data_2WVP
#
_entry.id   2WVP
#
_cell.length_a   99.560
_cell.length_b   69.810
_cell.length_c   59.130
_cell.angle_alpha   90.00
_cell.angle_beta   103.60
_cell.angle_gamma   90.00
#
_symmetry.space_group_name_H-M   'C 1 2 1'
#
loop_
_entity.id
_entity.type
_entity.pdbx_description
1 polymer 'OUTER MEMBRANE PROTEIN G'
2 non-polymer N-[2-({[5-(DIMETHYLAMINO)NAPHTHALEN-1-YL]SULFONYL}AMINO)ETHYL]-2-IODOACETAMIDE
3 non-polymer (HYDROXYETHYLOXY)TRI(ETHYLOXY)OCTANE
4 non-polymer 1,2-ETHANEDIOL
5 water water
#
_entity_poly.entity_id   1
_entity_poly.type   'polypeptide(L)'
_entity_poly.pdbx_seq_one_letter_code
;EERNDWHFNIGAMYEIENVEGYGEDMDGLAEPSVYFNAANGPWRIALAYYQEGPVDYSAGKRGTWFDRPELEVHYQFLEN
DDFSFGLTGGFRNYGYHYVDEPGKDTANMQRWKIAPDWDVKLTDDLRFNGWLSMYKFANDLNTTGYADTRVETETGLQYT
FNETVALRVNYYLERGFNMDDSRNNGEFSTQEIRAYLPLTLGNHSVTPCTRIGLDRWSNWDWQDDIEREGHDFNRVGLFY
GYDFQNGLSVSLEYAFEWQDHDEGDSDKFHYAGVGVNYSFHHHHHH
;
_entity_poly.pdbx_strand_id   A
#
loop_
_chem_comp.id
_chem_comp.type
_chem_comp.name
_chem_comp.formula
420 non-polymer N-[2-({[5-(DIMETHYLAMINO)NAPHTHALEN-1-YL]SULFONYL}AMINO)ETHYL]-2-IODOACETAMIDE 'C16 H20 I N3 O3 S'
C8E non-polymer (HYDROXYETHYLOXY)TRI(ETHYLOXY)OCTANE 'C16 H34 O5'
EDO non-polymer 1,2-ETHANEDIOL 'C2 H6 O2'
#
# COMPACT_ATOMS: atom_id res chain seq x y z
N ASN A 4 -3.06 -28.23 8.66
CA ASN A 4 -3.66 -27.37 9.72
C ASN A 4 -5.02 -26.82 9.22
N ASP A 5 -5.50 -25.72 9.79
CA ASP A 5 -6.73 -25.07 9.31
C ASP A 5 -6.44 -24.17 8.08
N TRP A 6 -7.12 -24.50 6.97
CA TRP A 6 -7.05 -23.72 5.73
C TRP A 6 -7.93 -22.48 5.86
N HIS A 7 -7.31 -21.29 5.84
N HIS A 7 -7.31 -21.30 5.81
CA HIS A 7 -8.03 -20.02 5.87
CA HIS A 7 -8.01 -20.03 5.86
C HIS A 7 -7.97 -19.36 4.49
C HIS A 7 -7.96 -19.35 4.49
N PHE A 8 -9.14 -19.04 3.94
CA PHE A 8 -9.27 -18.44 2.60
C PHE A 8 -9.99 -17.11 2.69
N ASN A 9 -9.58 -16.16 1.84
CA ASN A 9 -10.31 -14.91 1.64
C ASN A 9 -10.45 -14.65 0.14
N ILE A 10 -11.62 -14.15 -0.25
CA ILE A 10 -11.80 -13.56 -1.56
C ILE A 10 -12.37 -12.17 -1.35
N GLY A 11 -12.08 -11.25 -2.27
CA GLY A 11 -12.59 -9.90 -2.14
C GLY A 11 -12.32 -9.00 -3.34
N ALA A 12 -12.86 -7.82 -3.29
CA ALA A 12 -12.80 -6.90 -4.40
C ALA A 12 -12.86 -5.49 -3.85
N MET A 13 -12.40 -4.54 -4.64
CA MET A 13 -12.32 -3.14 -4.23
C MET A 13 -12.46 -2.26 -5.45
N TYR A 14 -13.01 -1.07 -5.23
CA TYR A 14 -13.04 -0.05 -6.26
C TYR A 14 -12.60 1.27 -5.64
N GLU A 15 -11.57 1.87 -6.24
CA GLU A 15 -10.96 3.10 -5.74
C GLU A 15 -11.06 4.17 -6.84
N ILE A 16 -11.23 5.42 -6.43
CA ILE A 16 -11.27 6.57 -7.35
C ILE A 16 -10.32 7.65 -6.82
N GLU A 17 -9.57 8.27 -7.75
CA GLU A 17 -8.65 9.38 -7.43
C GLU A 17 -8.90 10.51 -8.42
N ASN A 18 -8.60 11.75 -8.00
CA ASN A 18 -8.64 12.93 -8.89
C ASN A 18 -8.01 14.18 -8.26
N VAL A 19 -7.97 15.27 -9.03
CA VAL A 19 -7.59 16.60 -8.52
C VAL A 19 -8.84 17.48 -8.44
N GLY A 28 -9.99 12.27 -13.34
CA GLY A 28 -10.34 11.13 -12.51
C GLY A 28 -9.62 9.84 -12.89
N LEU A 29 -9.29 9.03 -11.89
CA LEU A 29 -8.75 7.67 -12.09
C LEU A 29 -9.66 6.66 -11.40
N ALA A 30 -10.07 5.62 -12.13
CA ALA A 30 -10.89 4.54 -11.62
C ALA A 30 -10.03 3.28 -11.55
N GLU A 31 -10.09 2.59 -10.40
CA GLU A 31 -9.18 1.50 -10.08
C GLU A 31 -9.87 0.27 -9.47
N PRO A 32 -10.44 -0.60 -10.32
CA PRO A 32 -11.05 -1.82 -9.81
C PRO A 32 -9.95 -2.82 -9.46
N SER A 33 -10.20 -3.67 -8.46
CA SER A 33 -9.26 -4.75 -8.17
C SER A 33 -9.91 -5.96 -7.52
N VAL A 34 -9.30 -7.12 -7.73
CA VAL A 34 -9.77 -8.36 -7.08
C VAL A 34 -8.63 -9.08 -6.43
N TYR A 35 -8.93 -9.84 -5.38
CA TYR A 35 -7.92 -10.65 -4.72
C TYR A 35 -8.45 -11.98 -4.13
N PHE A 36 -7.49 -12.85 -3.84
CA PHE A 36 -7.72 -14.12 -3.20
C PHE A 36 -6.47 -14.51 -2.43
N ASN A 37 -6.64 -14.94 -1.18
CA ASN A 37 -5.53 -15.48 -0.40
C ASN A 37 -5.91 -16.73 0.38
N ALA A 38 -4.90 -17.55 0.64
CA ALA A 38 -5.05 -18.84 1.25
C ALA A 38 -3.92 -19.06 2.26
N ALA A 39 -4.25 -19.63 3.42
CA ALA A 39 -3.27 -19.82 4.50
C ALA A 39 -3.44 -21.15 5.25
N ASN A 40 -2.28 -21.70 5.63
CA ASN A 40 -2.14 -22.95 6.35
C ASN A 40 -0.84 -22.93 7.16
N GLY A 41 -0.94 -23.04 8.49
CA GLY A 41 0.24 -22.91 9.36
C GLY A 41 0.99 -21.60 9.12
N PRO A 42 2.31 -21.66 8.84
CA PRO A 42 3.05 -20.41 8.70
C PRO A 42 2.99 -19.80 7.29
N TRP A 43 2.35 -20.50 6.35
CA TRP A 43 2.36 -20.13 4.95
C TRP A 43 1.11 -19.37 4.52
N ARG A 44 1.29 -18.27 3.79
CA ARG A 44 0.17 -17.61 3.14
C ARG A 44 0.53 -17.29 1.70
N ILE A 45 -0.37 -17.60 0.77
CA ILE A 45 -0.20 -17.26 -0.64
C ILE A 45 -1.35 -16.34 -1.08
N ALA A 46 -1.02 -15.33 -1.88
CA ALA A 46 -1.98 -14.29 -2.26
C ALA A 46 -1.86 -13.97 -3.76
N LEU A 47 -3.01 -13.91 -4.43
CA LEU A 47 -3.11 -13.49 -5.84
C LEU A 47 -3.97 -12.24 -5.93
N ALA A 48 -3.58 -11.29 -6.79
CA ALA A 48 -4.34 -10.06 -6.98
C ALA A 48 -4.30 -9.54 -8.44
N TYR A 49 -5.36 -8.83 -8.81
CA TYR A 49 -5.43 -8.12 -10.09
C TYR A 49 -6.00 -6.74 -9.86
N TYR A 50 -5.28 -5.76 -10.41
CA TYR A 50 -5.54 -4.35 -10.22
C TYR A 50 -5.43 -3.68 -11.58
N GLN A 51 -6.26 -2.68 -11.80
CA GLN A 51 -6.26 -1.93 -13.05
C GLN A 51 -6.44 -0.46 -12.72
N GLU A 52 -5.83 0.40 -13.51
CA GLU A 52 -5.88 1.85 -13.27
C GLU A 52 -5.93 2.62 -14.58
N GLY A 53 -6.84 3.59 -14.68
CA GLY A 53 -6.97 4.40 -15.90
C GLY A 53 -8.07 5.43 -15.75
N PRO A 54 -8.24 6.33 -16.74
CA PRO A 54 -9.15 7.46 -16.57
C PRO A 54 -10.59 7.05 -16.27
N VAL A 55 -11.26 7.84 -15.42
CA VAL A 55 -12.68 7.62 -15.08
C VAL A 55 -13.49 7.67 -16.35
N ASP A 56 -13.29 8.73 -17.14
CA ASP A 56 -13.95 8.87 -18.44
C ASP A 56 -13.08 8.21 -19.53
N TYR A 57 -12.97 6.88 -19.48
CA TYR A 57 -12.19 6.13 -20.47
C TYR A 57 -12.85 6.17 -21.86
N LYS A 61 -13.21 10.19 -26.11
CA LYS A 61 -12.04 10.34 -25.25
C LYS A 61 -11.67 9.05 -24.50
N ARG A 62 -10.40 8.96 -24.10
CA ARG A 62 -9.82 7.82 -23.35
C ARG A 62 -8.32 8.07 -23.15
N GLY A 63 -7.66 7.31 -22.28
CA GLY A 63 -6.24 7.54 -21.99
C GLY A 63 -5.43 6.36 -21.49
N THR A 64 -4.20 6.64 -21.09
CA THR A 64 -3.25 5.61 -20.67
C THR A 64 -3.71 4.88 -19.40
N TRP A 65 -3.66 3.56 -19.47
CA TRP A 65 -4.02 2.71 -18.34
C TRP A 65 -3.02 1.59 -18.22
N PHE A 66 -3.13 0.84 -17.14
CA PHE A 66 -2.33 -0.34 -16.95
C PHE A 66 -3.01 -1.36 -16.03
N ASP A 67 -2.56 -2.59 -16.15
CA ASP A 67 -2.95 -3.62 -15.21
C ASP A 67 -1.78 -4.09 -14.36
N ARG A 68 -2.10 -4.79 -13.29
CA ARG A 68 -1.10 -5.13 -12.30
C ARG A 68 -1.43 -6.46 -11.65
N PRO A 69 -1.18 -7.56 -12.38
CA PRO A 69 -1.31 -8.87 -11.78
C PRO A 69 -0.20 -9.04 -10.76
N GLU A 70 -0.50 -9.74 -9.67
CA GLU A 70 0.46 -9.90 -8.59
C GLU A 70 0.35 -11.26 -7.87
N LEU A 71 1.50 -11.82 -7.52
CA LEU A 71 1.54 -13.01 -6.67
C LEU A 71 2.43 -12.70 -5.46
N GLU A 72 1.89 -12.88 -4.26
CA GLU A 72 2.68 -12.78 -3.04
C GLU A 72 2.64 -14.06 -2.18
N VAL A 73 3.76 -14.35 -1.54
CA VAL A 73 3.89 -15.48 -0.64
C VAL A 73 4.47 -14.96 0.66
N HIS A 74 3.92 -15.42 1.79
CA HIS A 74 4.35 -14.97 3.11
C HIS A 74 4.66 -16.20 3.95
N TYR A 75 5.73 -16.08 4.74
CA TYR A 75 6.11 -17.10 5.68
C TYR A 75 6.30 -16.46 7.06
N GLN A 76 5.68 -17.07 8.07
CA GLN A 76 5.79 -16.65 9.47
C GLN A 76 6.86 -17.49 10.13
N PHE A 77 7.98 -16.88 10.46
CA PHE A 77 9.07 -17.59 11.12
C PHE A 77 8.72 -17.87 12.56
N LEU A 78 8.12 -16.87 13.20
CA LEU A 78 7.83 -16.92 14.62
C LEU A 78 6.64 -16.04 14.86
N GLU A 79 5.78 -16.51 15.78
CA GLU A 79 4.60 -15.78 16.17
C GLU A 79 4.30 -16.07 17.63
N ASN A 80 4.50 -15.06 18.46
CA ASN A 80 4.14 -15.13 19.88
C ASN A 80 4.12 -13.72 20.48
N ASP A 81 3.76 -13.63 21.76
CA ASP A 81 3.50 -12.34 22.43
C ASP A 81 4.74 -11.47 22.42
N ASP A 82 5.89 -12.06 22.68
CA ASP A 82 7.10 -11.27 22.85
C ASP A 82 7.73 -10.85 21.51
N PHE A 83 7.65 -11.71 20.50
CA PHE A 83 8.37 -11.47 19.25
C PHE A 83 7.78 -12.29 18.10
N SER A 84 7.47 -11.59 17.01
CA SER A 84 6.94 -12.19 15.80
C SER A 84 7.69 -11.64 14.61
N PHE A 85 8.04 -12.50 13.66
CA PHE A 85 8.61 -12.01 12.43
C PHE A 85 8.34 -12.91 11.25
N GLY A 86 8.35 -12.30 10.07
CA GLY A 86 7.90 -12.98 8.87
C GLY A 86 8.49 -12.33 7.67
N LEU A 87 8.16 -12.86 6.51
CA LEU A 87 8.84 -12.49 5.28
C LEU A 87 7.89 -12.68 4.12
N THR A 88 7.80 -11.67 3.26
CA THR A 88 7.01 -11.70 2.03
C THR A 88 7.93 -11.66 0.82
N GLY A 89 7.60 -12.47 -0.16
CA GLY A 89 8.21 -12.39 -1.45
C GLY A 89 7.07 -12.16 -2.42
N GLY A 90 7.30 -11.34 -3.44
CA GLY A 90 6.22 -10.97 -4.33
C GLY A 90 6.69 -10.76 -5.74
N PHE A 91 5.73 -10.81 -6.67
CA PHE A 91 6.01 -10.51 -8.05
C PHE A 91 4.84 -9.77 -8.66
N ARG A 92 5.13 -8.65 -9.32
CA ARG A 92 4.15 -7.92 -10.11
C ARG A 92 4.63 -7.73 -11.53
N ASN A 93 3.70 -7.79 -12.46
CA ASN A 93 3.89 -7.24 -13.77
C ASN A 93 3.04 -5.96 -13.82
N TYR A 94 3.58 -4.93 -14.45
CA TYR A 94 2.85 -3.69 -14.73
C TYR A 94 2.73 -3.66 -16.24
N GLY A 95 1.51 -3.90 -16.73
CA GLY A 95 1.22 -3.94 -18.16
C GLY A 95 0.60 -2.64 -18.64
N TYR A 96 1.41 -1.81 -19.30
CA TYR A 96 1.00 -0.46 -19.68
C TYR A 96 0.44 -0.44 -21.08
N HIS A 97 -0.66 0.29 -21.25
CA HIS A 97 -1.27 0.48 -22.53
C HIS A 97 -1.33 1.99 -22.75
N TYR A 98 -0.36 2.50 -23.52
CA TYR A 98 -0.25 3.94 -23.81
C TYR A 98 -1.21 4.30 -24.93
N VAL A 99 -1.83 5.46 -24.79
CA VAL A 99 -2.58 6.07 -25.88
C VAL A 99 -2.09 7.52 -25.98
N ASP A 100 -2.00 8.02 -27.21
CA ASP A 100 -1.43 9.36 -27.53
C ASP A 100 -0.10 9.67 -26.81
N GLU A 101 1.01 9.27 -27.45
CA GLU A 101 2.36 9.45 -26.89
C GLU A 101 3.41 8.92 -27.89
N PRO A 102 3.98 9.80 -28.75
CA PRO A 102 5.02 9.38 -29.73
C PRO A 102 6.01 8.33 -29.21
N GLY A 103 6.17 7.24 -29.97
CA GLY A 103 6.93 6.05 -29.54
C GLY A 103 6.04 4.85 -29.24
N LYS A 104 6.09 4.37 -28.00
CA LYS A 104 5.45 3.09 -27.60
C LYS A 104 3.92 3.01 -27.73
N ASP A 105 3.41 1.77 -27.66
CA ASP A 105 1.97 1.48 -27.46
C ASP A 105 1.70 0.59 -26.21
N THR A 106 2.58 -0.38 -25.92
CA THR A 106 2.54 -1.10 -24.64
C THR A 106 3.94 -1.33 -24.05
N ALA A 107 3.95 -1.67 -22.76
CA ALA A 107 5.17 -1.97 -22.04
C ALA A 107 4.85 -2.99 -20.96
N ASN A 108 5.86 -3.74 -20.54
CA ASN A 108 5.75 -4.62 -19.38
C ASN A 108 6.95 -4.44 -18.48
N MET A 109 6.68 -4.17 -17.22
CA MET A 109 7.73 -3.95 -16.23
C MET A 109 7.43 -4.86 -15.07
N GLN A 110 8.41 -5.63 -14.63
CA GLN A 110 8.16 -6.45 -13.48
C GLN A 110 8.73 -5.80 -12.23
N ARG A 111 8.09 -6.10 -11.09
CA ARG A 111 8.59 -5.73 -9.79
C ARG A 111 8.73 -6.98 -8.89
N TRP A 112 9.93 -7.15 -8.32
CA TRP A 112 10.25 -8.25 -7.41
C TRP A 112 10.43 -7.62 -6.05
N LYS A 113 9.87 -8.29 -5.05
CA LYS A 113 9.78 -7.75 -3.70
C LYS A 113 10.25 -8.81 -2.71
N ILE A 114 11.10 -8.41 -1.77
CA ILE A 114 11.40 -9.20 -0.57
C ILE A 114 11.21 -8.27 0.60
N ALA A 115 10.35 -8.64 1.55
CA ALA A 115 9.96 -7.75 2.64
C ALA A 115 9.82 -8.45 4.00
N PRO A 116 10.79 -8.25 4.90
CA PRO A 116 10.61 -8.71 6.27
C PRO A 116 9.65 -7.83 7.08
N ASP A 117 8.96 -8.45 8.04
CA ASP A 117 8.11 -7.74 8.97
C ASP A 117 8.34 -8.29 10.37
N TRP A 118 8.04 -7.46 11.36
CA TRP A 118 8.40 -7.79 12.72
C TRP A 118 7.47 -7.07 13.66
N ASP A 119 7.43 -7.58 14.88
CA ASP A 119 6.58 -7.07 15.90
C ASP A 119 7.14 -7.49 17.24
N VAL A 120 7.67 -6.56 18.02
CA VAL A 120 8.30 -6.91 19.30
C VAL A 120 7.69 -6.09 20.46
N LYS A 121 7.43 -6.81 21.54
CA LYS A 121 6.86 -6.25 22.74
C LYS A 121 7.97 -5.53 23.51
N LEU A 122 7.69 -4.28 23.87
CA LEU A 122 8.53 -3.49 24.78
C LEU A 122 7.90 -3.41 26.20
N THR A 123 6.59 -3.59 26.28
CA THR A 123 5.82 -3.34 27.49
C THR A 123 4.46 -4.04 27.30
N ASP A 124 3.68 -4.16 28.37
CA ASP A 124 2.33 -4.73 28.26
C ASP A 124 1.39 -3.89 27.36
N ASP A 125 1.75 -2.64 27.10
CA ASP A 125 0.97 -1.72 26.28
C ASP A 125 1.74 -1.12 25.08
N LEU A 126 3.05 -1.31 25.03
CA LEU A 126 3.87 -0.68 24.01
C LEU A 126 4.60 -1.72 23.17
N ARG A 127 4.56 -1.54 21.85
CA ARG A 127 5.16 -2.47 20.88
C ARG A 127 5.91 -1.75 19.78
N PHE A 128 6.97 -2.39 19.29
CA PHE A 128 7.73 -1.89 18.17
C PHE A 128 7.47 -2.82 16.98
N ASN A 129 7.01 -2.26 15.86
CA ASN A 129 6.68 -3.06 14.67
C ASN A 129 6.98 -2.36 13.36
N GLY A 130 7.09 -3.15 12.30
CA GLY A 130 7.32 -2.59 11.01
C GLY A 130 7.49 -3.63 9.94
N TRP A 131 7.71 -3.12 8.74
CA TRP A 131 8.16 -3.94 7.64
C TRP A 131 9.16 -3.11 6.85
N LEU A 132 10.01 -3.78 6.07
CA LEU A 132 10.95 -3.13 5.16
C LEU A 132 10.82 -3.88 3.84
N SER A 133 10.95 -3.18 2.71
CA SER A 133 10.86 -3.80 1.39
C SER A 133 12.01 -3.39 0.53
N MET A 134 12.54 -4.38 -0.18
CA MET A 134 13.57 -4.20 -1.17
C MET A 134 12.87 -4.53 -2.46
N TYR A 135 12.94 -3.64 -3.46
CA TYR A 135 12.36 -3.92 -4.76
C TYR A 135 13.38 -3.86 -5.86
N LYS A 136 13.27 -4.78 -6.82
CA LYS A 136 13.90 -4.63 -8.14
C LYS A 136 12.83 -4.45 -9.22
N PHE A 137 13.07 -3.51 -10.12
CA PHE A 137 12.24 -3.34 -11.29
C PHE A 137 13.03 -3.77 -12.53
N ALA A 138 12.40 -4.59 -13.35
CA ALA A 138 13.01 -5.12 -14.54
C ALA A 138 12.16 -4.82 -15.76
N ASN A 139 12.84 -4.59 -16.88
CA ASN A 139 12.25 -4.50 -18.22
C ASN A 139 11.42 -3.26 -18.52
N ASP A 140 11.63 -2.71 -19.72
CA ASP A 140 10.98 -1.50 -20.20
C ASP A 140 11.07 -0.33 -19.21
N LEU A 141 12.24 -0.16 -18.56
CA LEU A 141 12.41 0.92 -17.57
C LEU A 141 12.60 2.30 -18.23
N ASN A 142 13.20 2.32 -19.42
CA ASN A 142 13.37 3.57 -20.17
C ASN A 142 12.01 4.20 -20.54
N THR A 143 11.14 3.38 -21.12
CA THR A 143 9.74 3.74 -21.41
C THR A 143 8.98 4.22 -20.16
N THR A 144 8.99 3.39 -19.14
CA THR A 144 8.16 3.55 -17.96
C THR A 144 8.69 4.56 -16.92
N GLY A 145 9.96 4.97 -17.04
CA GLY A 145 10.59 5.95 -16.14
C GLY A 145 11.07 5.51 -14.75
N TYR A 146 10.82 4.27 -14.33
CA TYR A 146 11.15 3.84 -12.95
C TYR A 146 12.65 3.67 -12.70
N ALA A 147 13.07 3.95 -11.46
CA ALA A 147 14.39 3.53 -10.96
C ALA A 147 14.37 2.03 -10.72
N ASP A 148 15.48 1.36 -11.00
CA ASP A 148 15.48 -0.10 -11.04
C ASP A 148 15.53 -0.74 -9.65
N THR A 149 15.85 0.07 -8.64
CA THR A 149 15.96 -0.41 -7.26
C THR A 149 15.21 0.55 -6.34
N ARG A 150 14.64 -0.01 -5.29
CA ARG A 150 13.88 0.79 -4.37
C ARG A 150 13.77 0.11 -2.99
N VAL A 151 13.87 0.92 -1.93
CA VAL A 151 13.58 0.45 -0.58
C VAL A 151 12.42 1.25 0.00
N GLU A 152 11.61 0.57 0.79
CA GLU A 152 10.45 1.16 1.40
C GLU A 152 10.35 0.59 2.79
N THR A 153 10.14 1.45 3.80
CA THR A 153 9.90 0.95 5.14
C THR A 153 8.88 1.82 5.89
N GLU A 154 8.01 1.16 6.66
CA GLU A 154 7.16 1.81 7.65
C GLU A 154 7.35 1.06 8.97
N THR A 155 7.74 1.80 10.00
CA THR A 155 8.28 1.24 11.22
C THR A 155 8.00 2.20 12.38
N GLY A 156 7.59 1.68 13.53
CA GLY A 156 7.38 2.53 14.72
C GLY A 156 6.69 1.87 15.89
N LEU A 157 5.96 2.67 16.68
CA LEU A 157 5.48 2.28 18.00
C LEU A 157 3.95 2.20 18.06
N GLN A 158 3.47 1.26 18.85
CA GLN A 158 2.04 1.06 19.04
C GLN A 158 1.75 1.05 20.53
N TYR A 159 1.00 2.05 20.98
CA TYR A 159 0.50 2.10 22.33
C TYR A 159 -0.94 1.62 22.31
N THR A 160 -1.24 0.57 23.08
CA THR A 160 -2.61 0.08 23.19
C THR A 160 -3.23 0.61 24.47
N PHE A 161 -4.30 1.38 24.31
CA PHE A 161 -5.10 1.87 25.44
C PHE A 161 -5.85 0.70 26.07
N ASN A 162 -6.52 -0.07 25.21
CA ASN A 162 -7.39 -1.17 25.63
C ASN A 162 -7.81 -1.95 24.38
N GLU A 163 -8.77 -2.88 24.50
CA GLU A 163 -9.19 -3.68 23.32
C GLU A 163 -9.86 -2.84 22.21
N THR A 164 -10.48 -1.74 22.61
CA THR A 164 -11.15 -0.83 21.67
C THR A 164 -10.17 0.06 20.90
N VAL A 165 -9.18 0.64 21.57
CA VAL A 165 -8.41 1.75 21.02
C VAL A 165 -6.92 1.48 21.07
N ALA A 166 -6.24 1.78 19.98
CA ALA A 166 -4.81 1.80 19.98
C ALA A 166 -4.36 2.98 19.13
N LEU A 167 -3.20 3.52 19.45
CA LEU A 167 -2.53 4.53 18.64
C LEU A 167 -1.26 3.93 18.05
N ARG A 168 -0.98 4.27 16.78
CA ARG A 168 0.23 3.88 16.09
C ARG A 168 0.88 5.10 15.44
N VAL A 169 2.17 5.31 15.70
CA VAL A 169 2.93 6.41 15.09
C VAL A 169 4.19 5.86 14.43
N ASN A 170 4.24 5.97 13.10
CA ASN A 170 5.27 5.33 12.30
C ASN A 170 6.13 6.36 11.58
N TYR A 171 7.37 5.97 11.29
CA TYR A 171 8.23 6.69 10.37
C TYR A 171 8.12 5.94 9.04
N TYR A 172 8.05 6.67 7.95
CA TYR A 172 7.96 6.09 6.62
C TYR A 172 9.03 6.70 5.73
N LEU A 173 9.84 5.82 5.11
CA LEU A 173 10.83 6.18 4.11
C LEU A 173 10.58 5.33 2.86
N GLU A 174 10.64 5.97 1.69
CA GLU A 174 10.76 5.27 0.42
C GLU A 174 11.87 5.95 -0.37
N ARG A 175 12.76 5.16 -0.96
CA ARG A 175 13.84 5.74 -1.73
C ARG A 175 14.08 4.96 -3.02
N GLY A 176 14.50 5.67 -4.05
CA GLY A 176 14.76 5.12 -5.37
C GLY A 176 16.23 5.27 -5.69
N PHE A 177 16.81 4.19 -6.17
CA PHE A 177 18.21 4.11 -6.53
C PHE A 177 18.25 3.46 -7.90
N ASN A 178 19.36 3.65 -8.61
CA ASN A 178 19.63 2.92 -9.84
C ASN A 178 20.90 2.09 -9.69
N MET A 179 20.75 0.76 -9.74
CA MET A 179 21.91 -0.16 -9.80
C MET A 179 22.77 0.24 -10.99
N ASP A 180 22.16 0.36 -12.16
CA ASP A 180 22.84 0.93 -13.34
C ASP A 180 23.29 2.36 -13.00
N ASP A 181 24.53 2.50 -12.53
CA ASP A 181 25.07 3.78 -12.04
C ASP A 181 25.15 4.89 -13.11
N SER A 182 24.86 4.55 -14.37
CA SER A 182 24.75 5.53 -15.46
C SER A 182 23.30 6.01 -15.74
N ARG A 183 22.37 5.75 -14.80
CA ARG A 183 21.00 6.26 -14.89
C ARG A 183 20.59 6.97 -13.60
N ASN A 184 19.89 8.10 -13.76
CA ASN A 184 19.18 8.74 -12.63
C ASN A 184 17.65 8.68 -12.81
N ASN A 185 17.17 7.87 -13.77
CA ASN A 185 15.72 7.72 -14.04
C ASN A 185 14.97 7.20 -12.83
N GLY A 186 13.91 7.92 -12.45
CA GLY A 186 13.01 7.51 -11.36
C GLY A 186 13.62 7.54 -9.97
N GLU A 187 14.61 8.40 -9.78
CA GLU A 187 15.38 8.47 -8.53
C GLU A 187 14.81 9.54 -7.58
N PHE A 188 14.26 9.10 -6.44
CA PHE A 188 13.56 9.98 -5.50
C PHE A 188 13.83 9.62 -4.04
N SER A 189 13.36 10.46 -3.11
CA SER A 189 13.29 10.14 -1.67
C SER A 189 12.08 10.80 -1.02
N THR A 190 11.48 10.09 -0.07
CA THR A 190 10.26 10.52 0.60
C THR A 190 10.36 10.05 2.05
N GLN A 191 10.15 10.98 2.98
CA GLN A 191 10.07 10.66 4.40
C GLN A 191 8.80 11.23 5.00
N GLU A 192 8.11 10.42 5.79
CA GLU A 192 6.88 10.83 6.43
C GLU A 192 6.78 10.31 7.86
N ILE A 193 5.95 10.99 8.64
CA ILE A 193 5.40 10.43 9.87
CA ILE A 193 5.41 10.41 9.86
C ILE A 193 3.95 10.08 9.59
N ARG A 194 3.52 8.88 9.97
CA ARG A 194 2.14 8.49 9.74
C ARG A 194 1.52 8.03 11.07
N ALA A 195 0.35 8.57 11.39
CA ALA A 195 -0.28 8.32 12.66
C ALA A 195 -1.64 7.65 12.39
N TYR A 196 -1.97 6.62 13.17
CA TYR A 196 -3.28 5.99 13.10
C TYR A 196 -3.90 5.81 14.47
N LEU A 197 -5.21 5.74 14.50
CA LEU A 197 -5.94 5.45 15.73
C LEU A 197 -7.04 4.42 15.44
N PRO A 198 -6.66 3.14 15.32
CA PRO A 198 -7.68 2.11 15.13
C PRO A 198 -8.60 1.95 16.35
N LEU A 199 -9.88 2.15 16.13
CA LEU A 199 -10.92 1.96 17.12
C LEU A 199 -11.73 0.74 16.69
N THR A 200 -12.00 -0.16 17.63
CA THR A 200 -12.89 -1.31 17.42
C THR A 200 -14.13 -1.15 18.28
N LEU A 201 -15.28 -1.04 17.62
CA LEU A 201 -16.54 -0.69 18.27
C LEU A 201 -17.61 -1.76 17.94
N GLY A 202 -17.52 -2.89 18.63
CA GLY A 202 -18.32 -4.07 18.27
C GLY A 202 -17.97 -4.60 16.88
N ASN A 203 -18.96 -4.58 15.98
CA ASN A 203 -18.78 -4.98 14.57
C ASN A 203 -18.15 -3.88 13.67
N HIS A 204 -18.11 -2.64 14.18
CA HIS A 204 -17.65 -1.48 13.42
C HIS A 204 -16.15 -1.29 13.64
N SER A 205 -15.45 -0.88 12.58
CA SER A 205 -14.04 -0.50 12.69
C SER A 205 -13.95 0.91 12.15
N VAL A 206 -13.16 1.74 12.82
CA VAL A 206 -12.91 3.09 12.36
C VAL A 206 -11.47 3.43 12.65
N THR A 207 -10.71 3.75 11.62
CA THR A 207 -9.33 4.22 11.78
C THR A 207 -9.16 5.59 11.14
N PRO A 208 -9.10 6.64 11.96
CA PRO A 208 -8.55 7.90 11.44
C PRO A 208 -7.04 7.81 11.23
N CYS A 209 -6.53 8.38 10.16
CA CYS A 209 -5.09 8.36 9.89
C CYS A 209 -4.57 9.72 9.39
N THR A 210 -3.30 9.98 9.59
CA THR A 210 -2.65 11.19 9.10
C THR A 210 -1.29 10.79 8.53
N ARG A 211 -0.85 11.52 7.50
CA ARG A 211 0.52 11.47 7.00
C ARG A 211 1.07 12.89 6.93
N ILE A 212 2.22 13.11 7.53
CA ILE A 212 2.88 14.40 7.46
C ILE A 212 4.19 14.20 6.72
N GLY A 213 4.37 14.92 5.63
CA GLY A 213 5.66 14.96 4.96
C GLY A 213 6.71 15.49 5.90
N LEU A 214 7.84 14.79 6.00
CA LEU A 214 9.03 15.30 6.68
C LEU A 214 9.93 15.95 5.65
N ASP A 215 10.12 15.24 4.54
CA ASP A 215 11.01 15.67 3.48
C ASP A 215 10.75 14.81 2.23
N ARG A 216 10.81 15.44 1.07
CA ARG A 216 10.81 14.70 -0.19
C ARG A 216 11.54 15.45 -1.29
N TRP A 217 12.32 14.71 -2.06
CA TRP A 217 12.86 15.23 -3.30
C TRP A 217 12.72 14.15 -4.37
N SER A 218 12.62 14.58 -5.62
CA SER A 218 12.47 13.68 -6.76
C SER A 218 13.08 14.35 -7.99
N ASN A 219 13.09 13.63 -9.13
CA ASN A 219 13.64 14.16 -10.40
C ASN A 219 12.60 14.91 -11.27
N TRP A 220 11.32 14.81 -10.89
CA TRP A 220 10.26 15.65 -11.45
C TRP A 220 10.13 17.03 -10.76
N ASP A 221 10.99 17.29 -9.78
CA ASP A 221 11.19 18.63 -9.20
C ASP A 221 12.63 18.74 -8.67
N GLU A 229 6.03 17.37 -6.82
CA GLU A 229 6.74 16.94 -5.61
C GLU A 229 7.67 18.03 -5.10
N GLY A 230 7.75 18.21 -3.78
CA GLY A 230 8.91 18.86 -3.15
C GLY A 230 8.72 19.91 -2.06
N HIS A 231 8.31 19.46 -0.86
CA HIS A 231 8.34 20.26 0.39
C HIS A 231 7.53 19.59 1.53
N ASP A 232 6.26 19.99 1.68
CA ASP A 232 5.41 19.56 2.79
C ASP A 232 4.06 19.11 2.25
N PHE A 233 3.79 17.82 2.42
CA PHE A 233 2.72 17.10 1.75
C PHE A 233 1.97 16.39 2.86
N ASN A 234 0.69 16.68 2.98
CA ASN A 234 -0.11 16.18 4.08
C ASN A 234 -1.26 15.36 3.54
N ARG A 235 -1.63 14.34 4.29
CA ARG A 235 -2.84 13.57 4.00
C ARG A 235 -3.63 13.35 5.31
N VAL A 236 -4.94 13.48 5.24
CA VAL A 236 -5.81 13.02 6.30
C VAL A 236 -6.83 12.06 5.70
N GLY A 237 -7.21 11.04 6.46
CA GLY A 237 -8.06 9.98 5.93
C GLY A 237 -8.87 9.28 6.99
N LEU A 238 -9.82 8.48 6.54
CA LEU A 238 -10.70 7.80 7.45
C LEU A 238 -11.10 6.45 6.87
N PHE A 239 -10.77 5.38 7.57
CA PHE A 239 -11.24 4.05 7.21
C PHE A 239 -12.45 3.66 8.06
N TYR A 240 -13.49 3.16 7.41
CA TYR A 240 -14.64 2.55 8.09
C TYR A 240 -14.77 1.09 7.63
N GLY A 241 -14.94 0.18 8.58
CA GLY A 241 -15.10 -1.25 8.27
C GLY A 241 -16.29 -1.81 9.02
N TYR A 242 -16.98 -2.79 8.43
CA TYR A 242 -18.06 -3.46 9.12
C TYR A 242 -17.98 -4.97 8.91
N ASP A 243 -18.09 -5.71 10.00
CA ASP A 243 -18.06 -7.16 9.94
C ASP A 243 -19.45 -7.70 10.31
N PHE A 244 -20.04 -8.48 9.41
CA PHE A 244 -21.36 -9.11 9.64
C PHE A 244 -21.31 -10.39 10.48
N GLN A 245 -20.11 -10.82 10.89
CA GLN A 245 -19.94 -11.98 11.80
C GLN A 245 -20.29 -13.32 11.13
N ASN A 246 -20.50 -13.27 9.82
CA ASN A 246 -20.90 -14.42 9.00
C ASN A 246 -19.87 -14.71 7.89
N GLY A 247 -18.70 -14.07 7.97
CA GLY A 247 -17.66 -14.20 6.95
C GLY A 247 -17.48 -12.94 6.13
N LEU A 248 -18.59 -12.26 5.88
CA LEU A 248 -18.62 -11.06 5.06
C LEU A 248 -18.23 -9.81 5.84
N SER A 249 -17.41 -8.97 5.21
CA SER A 249 -17.15 -7.63 5.71
C SER A 249 -17.03 -6.64 4.56
N VAL A 250 -17.31 -5.38 4.86
CA VAL A 250 -17.22 -4.31 3.89
C VAL A 250 -16.34 -3.20 4.43
N SER A 251 -15.80 -2.40 3.52
CA SER A 251 -14.94 -1.28 3.88
C SER A 251 -15.28 -0.05 3.04
N LEU A 252 -15.06 1.12 3.63
CA LEU A 252 -15.22 2.41 2.98
C LEU A 252 -14.09 3.29 3.51
N GLU A 253 -13.34 3.92 2.62
CA GLU A 253 -12.28 4.86 3.02
C GLU A 253 -12.30 6.17 2.22
N TYR A 254 -12.01 7.27 2.91
CA TYR A 254 -11.85 8.58 2.29
CA TYR A 254 -11.82 8.56 2.25
C TYR A 254 -10.48 9.15 2.68
N ALA A 255 -9.82 9.83 1.76
CA ALA A 255 -8.55 10.49 2.05
C ALA A 255 -8.44 11.80 1.26
N PHE A 256 -7.84 12.79 1.90
CA PHE A 256 -7.58 14.07 1.27
C PHE A 256 -6.09 14.40 1.40
N GLU A 257 -5.46 14.69 0.27
CA GLU A 257 -4.05 15.02 0.23
C GLU A 257 -3.85 16.42 -0.32
N TRP A 258 -2.82 17.12 0.17
CA TRP A 258 -2.53 18.46 -0.32
C TRP A 258 -1.06 18.86 -0.13
N GLN A 259 -0.67 19.99 -0.73
CA GLN A 259 0.69 20.56 -0.61
C GLN A 259 0.63 21.81 0.28
N ASP A 260 -0.04 22.84 -0.20
CA ASP A 260 -0.67 23.80 0.72
C ASP A 260 -1.86 24.50 0.03
N HIS A 261 -2.42 23.84 -0.98
CA HIS A 261 -3.55 24.36 -1.76
C HIS A 261 -3.15 25.45 -2.78
N ASP A 262 -4.18 26.14 -3.28
CA ASP A 262 -4.06 27.30 -4.18
C ASP A 262 -2.72 27.39 -4.93
N GLU A 263 -1.80 28.27 -4.51
CA GLU A 263 -0.50 28.43 -5.16
C GLU A 263 0.46 27.27 -4.76
N GLY A 264 0.83 27.20 -3.47
CA GLY A 264 1.51 26.03 -2.87
C GLY A 264 2.40 25.12 -3.72
N ASP A 265 1.81 24.41 -4.67
CA ASP A 265 2.54 23.60 -5.67
C ASP A 265 2.12 22.13 -5.67
N SER A 266 1.04 21.84 -6.39
CA SER A 266 0.46 20.47 -6.47
C SER A 266 -0.84 20.36 -5.66
N ASP A 267 -1.29 21.49 -5.09
CA ASP A 267 -2.50 21.61 -4.25
C ASP A 267 -3.29 20.29 -3.95
N LYS A 268 -4.58 20.20 -4.29
CA LYS A 268 -5.44 19.16 -3.71
C LYS A 268 -5.61 17.86 -4.52
N PHE A 269 -5.91 16.79 -3.79
CA PHE A 269 -6.12 15.44 -4.34
CA PHE A 269 -6.08 15.44 -4.32
C PHE A 269 -7.12 14.72 -3.45
N HIS A 270 -8.08 14.03 -4.07
CA HIS A 270 -9.16 13.32 -3.36
C HIS A 270 -9.09 11.83 -3.65
N TYR A 271 -9.41 11.02 -2.63
CA TYR A 271 -9.42 9.55 -2.74
C TYR A 271 -10.64 8.98 -2.03
N ALA A 272 -11.34 8.07 -2.70
CA ALA A 272 -12.47 7.36 -2.11
C ALA A 272 -12.34 5.90 -2.51
N GLY A 273 -12.64 4.99 -1.58
CA GLY A 273 -12.53 3.56 -1.87
C GLY A 273 -13.58 2.70 -1.18
N VAL A 274 -14.09 1.69 -1.89
CA VAL A 274 -15.03 0.73 -1.32
C VAL A 274 -14.51 -0.71 -1.53
N GLY A 275 -14.65 -1.55 -0.51
CA GLY A 275 -14.19 -2.94 -0.57
C GLY A 275 -15.18 -3.91 0.05
N VAL A 276 -15.13 -5.15 -0.41
CA VAL A 276 -15.84 -6.27 0.21
C VAL A 276 -14.86 -7.45 0.35
N ASN A 277 -14.90 -8.11 1.50
CA ASN A 277 -14.08 -9.30 1.76
C ASN A 277 -14.98 -10.45 2.22
N TYR A 278 -14.79 -11.65 1.69
CA TYR A 278 -15.43 -12.82 2.30
C TYR A 278 -14.38 -13.80 2.85
N SER A 279 -14.58 -14.17 4.11
CA SER A 279 -13.66 -15.01 4.85
C SER A 279 -14.32 -16.32 5.23
N PHE A 280 -13.65 -17.41 4.82
CA PHE A 280 -14.13 -18.77 5.08
C PHE A 280 -12.94 -19.68 5.37
N HIS A 281 -13.21 -20.80 6.06
CA HIS A 281 -12.14 -21.60 6.68
C HIS A 281 -12.32 -23.09 6.39
N HIS A 282 -11.34 -23.90 6.79
CA HIS A 282 -11.45 -25.35 6.65
C HIS A 282 -10.55 -26.12 7.66
N HIS A 283 -10.93 -27.37 7.95
CA HIS A 283 -10.18 -28.35 8.78
C HIS A 283 -10.59 -28.26 10.25
C1 420 B . -7.17 5.92 7.52
C1 420 B . -6.65 5.54 7.73
C2 420 B . -6.63 4.54 7.18
C2 420 B . -5.55 4.57 7.38
O3 420 B . -6.47 4.14 6.02
O3 420 B . -4.66 4.81 6.57
N4 420 B . -6.34 3.72 8.25
N4 420 B . -5.64 3.36 8.04
C5 420 B . -5.75 2.37 8.10
C5 420 B . -5.17 2.12 7.43
C6 420 B . -6.67 1.32 7.46
C6 420 B . -5.48 2.10 5.93
N7 420 B . -6.37 -0.08 7.90
N7 420 B . -6.78 1.44 5.65
S8 420 B . -6.98 -1.45 7.09
S8 420 B . -7.08 -0.11 6.23
O9 420 B . -5.97 -2.50 7.08
O9 420 B . -5.77 -0.65 6.55
O10 420 B . -8.30 -1.71 7.67
O10 420 B . -8.13 -0.01 7.23
C11 420 B . -7.09 -0.92 5.39
C11 420 B . -7.64 -1.09 4.83
C12 420 B . -8.34 -0.89 4.75
C12 420 B . -7.37 -0.58 3.55
C13 420 B . -8.44 -0.46 3.42
C13 420 B . -7.77 -1.27 2.41
C14 420 B . -7.28 -0.07 2.74
C14 420 B . -8.43 -2.47 2.54
C15 420 B . -5.99 -0.08 3.34
C15 420 B . -8.73 -3.04 3.79
C16 420 B . -5.89 -0.51 4.69
C16 420 B . -8.33 -2.34 4.97
C17 420 B . -4.59 -0.52 5.28
C17 420 B . -8.66 -2.97 6.22
C18 420 B . -3.46 -0.14 4.60
C18 420 B . -9.33 -4.19 6.28
C19 420 B . -3.57 0.29 3.28
C19 420 B . -9.70 -4.83 5.11
C20 420 B . -4.81 0.32 2.63
C20 420 B . -9.41 -4.28 3.87
N21 420 B . -4.81 0.75 1.31
N21 420 B . -9.81 -4.98 2.74
C22 420 B . -3.55 1.13 0.69
C22 420 B . -10.49 -6.25 2.93
C23 420 B . -6.06 0.82 0.57
C23 420 B . -9.52 -4.46 1.42
O9 C8E C . 16.42 -7.89 -15.07
C10 C8E C . 16.00 -9.16 -15.54
C11 C8E C . 15.11 -9.82 -14.48
O12 C8E C . 15.80 -9.96 -13.24
C13 C8E C . 14.89 -10.34 -12.22
C14 C8E C . 15.65 -10.96 -11.06
O15 C8E C . 15.65 -10.05 -9.99
C16 C8E C . 15.14 -10.63 -8.82
C17 C8E C . 15.44 -9.72 -7.65
O18 C8E C . 15.77 -10.55 -6.55
C19 C8E C . 14.71 -10.69 -5.62
C20 C8E C . 15.06 -11.76 -4.60
O21 C8E C . 16.39 -12.19 -4.77
C1 C8E D . -8.36 -21.05 -6.92
C2 C8E D . -9.73 -20.58 -6.43
C3 C8E D . -9.87 -19.05 -6.46
C4 C8E D . -11.31 -18.57 -6.63
C5 C8E D . -11.38 -17.04 -6.60
C6 C8E D . -12.46 -16.43 -7.51
C7 C8E D . -12.47 -14.88 -7.57
C8 C8E D . -11.27 -14.10 -6.98
O9 C8E D . -10.18 -13.95 -7.90
C10 C8E D . -8.87 -14.06 -7.34
C11 C8E D . -7.78 -14.25 -8.41
O12 C8E D . -6.83 -13.20 -8.37
C13 C8E D . -6.25 -12.77 -9.60
C14 C8E D . -5.43 -13.85 -10.30
O15 C8E D . -4.37 -13.30 -11.09
C16 C8E D . -4.76 -12.59 -12.25
C17 C8E D . -3.85 -12.95 -13.43
O18 C8E D . -3.94 -11.99 -14.46
C19 C8E D . -3.17 -12.34 -15.60
C20 C8E D . -3.63 -11.51 -16.80
O21 C8E D . -2.60 -11.41 -17.77
C1 C8E E . -0.99 8.66 24.48
C2 C8E E . 0.29 8.13 23.85
C3 C8E E . 1.43 8.11 24.86
C4 C8E E . 1.74 6.70 25.40
C5 C8E E . 3.03 6.70 26.22
C6 C8E E . 3.31 5.32 26.81
C7 C8E E . 4.44 5.32 27.84
C8 C8E E . 4.14 4.33 28.97
O9 C8E E . 5.24 4.19 29.84
C10 C8E E . 5.48 5.30 30.69
C11 C8E E . 6.72 6.08 30.25
O12 C8E E . 6.74 7.35 30.89
C13 C8E E . 7.39 8.39 30.14
C14 C8E E . 6.34 9.23 29.41
O15 C8E E . 6.50 9.15 28.00
C16 C8E E . 5.36 9.68 27.34
C17 C8E E . 5.60 9.85 25.84
O18 C8E E . 5.00 11.04 25.32
C19 C8E E . 3.61 11.17 25.55
C20 C8E E . 2.88 11.60 24.28
O21 C8E E . 3.45 12.80 23.79
C1 C8E F . -2.11 11.23 17.45
C2 C8E F . -0.74 11.65 17.98
C3 C8E F . 0.12 12.24 16.87
C4 C8E F . 1.27 13.09 17.42
C5 C8E F . 2.57 12.83 16.67
C6 C8E F . 2.72 13.71 15.42
C7 C8E F . 4.19 13.91 15.07
C8 C8E F . 4.36 14.72 13.78
O9 C8E F . 5.69 15.21 13.72
C10 C8E F . 5.97 15.88 12.50
C11 C8E F . 7.35 16.52 12.59
O12 C8E F . 7.47 17.46 11.55
C13 C8E F . 8.79 17.95 11.40
C14 C8E F . 8.85 18.89 10.19
O15 C8E F . 10.03 18.66 9.45
C16 C8E F . 10.49 19.78 8.72
C17 C8E F . 11.46 20.59 9.57
O18 C8E F . 11.95 21.71 8.85
C19 C8E F . 13.13 21.45 8.11
C20 C8E F . 13.27 22.42 6.95
O21 C8E F . 14.19 23.45 7.27
C1 C8E G . -10.03 -1.68 -21.69
C2 C8E G . -10.60 -0.78 -20.59
C3 C8E G . -9.50 -0.06 -19.81
C4 C8E G . -10.10 0.86 -18.73
C5 C8E G . -9.12 1.20 -17.60
C6 C8E G . -9.78 2.04 -16.50
C7 C8E G . -10.43 1.20 -15.40
C8 C8E G . -11.92 1.51 -15.27
C1 C8E H . 2.51 5.38 19.69
C2 C8E H . 2.84 6.16 20.95
C3 C8E H . 4.35 6.27 21.18
C4 C8E H . 4.72 6.11 22.66
C5 C8E H . 6.02 6.83 23.02
C6 C8E H . 6.81 6.09 24.10
C7 C8E H . 8.14 6.79 24.41
C8 C8E H . 8.48 6.80 25.91
O9 C8E H . 8.92 5.53 26.34
C1 EDO I . 13.90 6.74 13.25
O1 EDO I . 14.27 7.51 12.10
C2 EDO I . 13.36 5.39 12.82
O2 EDO I . 12.67 4.79 13.93
#